data_1C22
#
_entry.id   1C22
#
_cell.length_a   39.128
_cell.length_b   67.604
_cell.length_c   48.826
_cell.angle_alpha   90.00
_cell.angle_beta   111.05
_cell.angle_gamma   90.00
#
_symmetry.space_group_name_H-M   'P 1 21 1'
#
loop_
_entity.id
_entity.type
_entity.pdbx_description
1 polymer 'METHIONINE AMINOPEPTIDASE'
2 non-polymer 'COBALT (II) ION'
3 non-polymer 'SODIUM ION'
4 non-polymer '2-AMINO-4-TRIFLUOROMETHYLSULFANYL-BUTYRIC ACID'
5 water water
#
_entity_poly.entity_id   1
_entity_poly.type   'polypeptide(L)'
_entity_poly.pdbx_seq_one_letter_code
;AISIKTPEDIEKMRVAGRLAAEVLEMIEPYVKPGVSTGELDRICNDYIVNEQHAVSACLGYHGYPKSVCISINEVVCHGI
PDDAKLLKDGDIVNIDVTVIKDGFHGDTSKMFIVGKPTIMGERLCRITQESLYLALRMVKPGINLREIGAAIQKFVEAEG
FSVVREYCGHGIGQGFHEEPQVLHYDSRETNVVLKPGMTFTIEPMVNAGKKEIRTMKDGWTVKTKDRSLSAQYEHTIVVT
DNGCEILTLRKDDTIPAIISHDE
;
_entity_poly.pdbx_strand_id   A
#
loop_
_chem_comp.id
_chem_comp.type
_chem_comp.name
_chem_comp.formula
CO non-polymer 'COBALT (II) ION' 'Co 2'
NA non-polymer 'SODIUM ION' 'Na 1'
#
# COMPACT_ATOMS: atom_id res chain seq x y z
N ALA A 1 -4.10 -10.42 -19.86
CA ALA A 1 -4.35 -9.11 -20.41
C ALA A 1 -3.71 -7.98 -19.60
N ILE A 2 -2.38 -7.91 -19.66
CA ILE A 2 -1.66 -6.87 -18.98
C ILE A 2 -1.60 -5.67 -19.90
N SER A 3 -2.17 -4.56 -19.45
CA SER A 3 -2.17 -3.35 -20.23
C SER A 3 -0.88 -2.55 -20.15
N ILE A 4 -0.45 -2.04 -21.28
CA ILE A 4 0.75 -1.21 -21.32
C ILE A 4 0.28 0.22 -21.50
N LYS A 5 0.69 1.10 -20.61
CA LYS A 5 0.24 2.46 -20.67
C LYS A 5 0.95 3.28 -21.69
N THR A 6 0.22 4.22 -22.30
CA THR A 6 0.84 5.11 -23.27
C THR A 6 1.40 6.25 -22.45
N PRO A 7 2.16 7.10 -23.11
CA PRO A 7 2.77 8.23 -22.45
C PRO A 7 1.69 9.17 -21.87
N GLU A 8 0.59 9.26 -22.60
CA GLU A 8 -0.51 10.11 -22.16
C GLU A 8 -1.14 9.46 -20.93
N ASP A 9 -1.27 8.14 -20.94
CA ASP A 9 -1.82 7.42 -19.81
C ASP A 9 -0.94 7.68 -18.58
N ILE A 10 0.36 7.60 -18.81
CA ILE A 10 1.29 7.78 -17.73
C ILE A 10 1.19 9.15 -17.11
N GLU A 11 0.92 10.15 -17.92
CA GLU A 11 0.77 11.50 -17.41
C GLU A 11 -0.38 11.64 -16.40
N LYS A 12 -1.49 10.99 -16.73
CA LYS A 12 -2.64 11.02 -15.87
C LYS A 12 -2.38 10.21 -14.60
N MET A 13 -1.57 9.16 -14.68
CA MET A 13 -1.27 8.36 -13.49
C MET A 13 -0.40 9.14 -12.50
N ARG A 14 0.49 9.95 -13.04
CA ARG A 14 1.34 10.77 -12.23
C ARG A 14 0.47 11.73 -11.42
N VAL A 15 -0.59 12.25 -12.03
CA VAL A 15 -1.45 13.17 -11.31
C VAL A 15 -2.20 12.45 -10.20
N ALA A 16 -2.81 11.32 -10.56
CA ALA A 16 -3.57 10.53 -9.62
C ALA A 16 -2.70 10.03 -8.48
N GLY A 17 -1.46 9.68 -8.82
CA GLY A 17 -0.53 9.16 -7.85
C GLY A 17 -0.13 10.23 -6.84
N ARG A 18 0.05 11.44 -7.35
CA ARG A 18 0.43 12.57 -6.51
C ARG A 18 -0.72 12.96 -5.55
N LEU A 19 -1.96 12.92 -6.07
CA LEU A 19 -3.15 13.20 -5.25
C LEU A 19 -3.23 12.22 -4.10
N ALA A 20 -3.05 10.95 -4.40
CA ALA A 20 -3.13 9.95 -3.37
C ALA A 20 -2.09 10.16 -2.29
N ALA A 21 -0.88 10.45 -2.73
CA ALA A 21 0.23 10.67 -1.81
C ALA A 21 -0.08 11.88 -0.93
N GLU A 22 -0.66 12.89 -1.55
CA GLU A 22 -0.97 14.09 -0.80
C GLU A 22 -1.98 13.87 0.33
N VAL A 23 -2.92 12.94 0.16
CA VAL A 23 -3.90 12.67 1.22
C VAL A 23 -3.14 12.17 2.46
N LEU A 24 -2.14 11.32 2.22
CA LEU A 24 -1.32 10.76 3.30
C LEU A 24 -0.46 11.84 3.95
N GLU A 25 0.01 12.77 3.15
CA GLU A 25 0.83 13.80 3.75
C GLU A 25 -0.04 14.70 4.62
N MET A 26 -1.22 15.00 4.13
CA MET A 26 -2.16 15.90 4.76
C MET A 26 -2.67 15.40 6.10
N ILE A 27 -2.91 14.12 6.17
CA ILE A 27 -3.54 13.55 7.36
C ILE A 27 -2.68 13.43 8.61
N GLU A 28 -1.38 13.41 8.38
CA GLU A 28 -0.45 13.20 9.45
C GLU A 28 -0.75 13.89 10.77
N PRO A 29 -0.93 15.21 10.75
CA PRO A 29 -1.16 15.93 11.99
C PRO A 29 -2.39 15.49 12.73
N TYR A 30 -3.33 14.83 12.05
CA TYR A 30 -4.52 14.42 12.77
C TYR A 30 -4.39 13.12 13.49
N VAL A 31 -3.31 12.40 13.22
CA VAL A 31 -3.17 11.09 13.80
C VAL A 31 -2.62 11.12 15.19
N LYS A 32 -3.49 11.17 16.20
CA LYS A 32 -3.00 11.23 17.56
C LYS A 32 -3.92 10.51 18.51
N PRO A 33 -3.47 10.25 19.73
CA PRO A 33 -4.31 9.53 20.67
C PRO A 33 -5.65 10.20 20.88
N GLY A 34 -6.73 9.40 20.91
CA GLY A 34 -8.07 9.93 21.14
C GLY A 34 -8.84 10.27 19.86
N VAL A 35 -8.18 10.20 18.69
CA VAL A 35 -8.92 10.46 17.45
C VAL A 35 -9.57 9.14 17.04
N SER A 36 -10.76 9.22 16.44
CA SER A 36 -11.37 7.97 16.00
C SER A 36 -11.00 7.70 14.52
N THR A 37 -11.05 6.44 14.10
CA THR A 37 -10.77 6.15 12.69
C THR A 37 -11.89 6.71 11.80
N GLY A 38 -13.12 6.81 12.37
CA GLY A 38 -14.24 7.37 11.62
C GLY A 38 -13.97 8.81 11.26
N GLU A 39 -13.40 9.56 12.22
CA GLU A 39 -13.06 10.95 11.95
C GLU A 39 -11.97 11.06 10.86
N LEU A 40 -10.96 10.19 10.92
CA LEU A 40 -9.87 10.23 9.92
C LEU A 40 -10.44 10.02 8.52
N ASP A 41 -11.34 9.06 8.45
CA ASP A 41 -12.01 8.74 7.18
C ASP A 41 -12.77 9.96 6.65
N ARG A 42 -13.49 10.68 7.53
CA ARG A 42 -14.22 11.85 7.07
C ARG A 42 -13.31 12.96 6.57
N ILE A 43 -12.20 13.20 7.28
CA ILE A 43 -11.31 14.23 6.86
C ILE A 43 -10.74 13.88 5.49
N CYS A 44 -10.39 12.61 5.34
CA CYS A 44 -9.81 12.20 4.04
C CYS A 44 -10.80 12.40 2.91
N ASN A 45 -12.01 11.93 3.12
CA ASN A 45 -13.06 12.04 2.13
C ASN A 45 -13.36 13.47 1.71
N ASP A 46 -13.41 14.34 2.70
CA ASP A 46 -13.69 15.72 2.39
C ASP A 46 -12.62 16.35 1.56
N TYR A 47 -11.39 15.99 1.88
CA TYR A 47 -10.23 16.52 1.19
C TYR A 47 -10.24 16.10 -0.28
N ILE A 48 -10.43 14.80 -0.47
CA ILE A 48 -10.48 14.19 -1.78
C ILE A 48 -11.53 14.87 -2.65
N VAL A 49 -12.73 14.94 -2.13
CA VAL A 49 -13.84 15.49 -2.87
C VAL A 49 -13.89 17.00 -3.03
N ASN A 50 -13.71 17.69 -1.91
CA ASN A 50 -13.81 19.13 -1.88
C ASN A 50 -12.59 19.91 -2.30
N GLU A 51 -11.42 19.40 -1.99
CA GLU A 51 -10.23 20.15 -2.37
C GLU A 51 -9.62 19.59 -3.63
N GLN A 52 -9.41 18.30 -3.63
CA GLN A 52 -8.80 17.71 -4.80
C GLN A 52 -9.74 17.59 -5.99
N HIS A 53 -11.04 17.65 -5.75
CA HIS A 53 -12.01 17.44 -6.81
C HIS A 53 -11.82 16.09 -7.46
N ALA A 54 -11.49 15.11 -6.64
CA ALA A 54 -11.32 13.76 -7.12
C ALA A 54 -12.36 12.85 -6.49
N VAL A 55 -12.12 11.55 -6.57
CA VAL A 55 -13.05 10.63 -6.01
C VAL A 55 -12.35 9.43 -5.35
N SER A 56 -12.91 8.91 -4.26
CA SER A 56 -12.30 7.77 -3.65
C SER A 56 -12.70 6.52 -4.42
N ALA A 57 -11.73 5.72 -4.78
CA ALA A 57 -12.07 4.50 -5.49
C ALA A 57 -12.66 3.45 -4.59
N CYS A 58 -12.47 3.61 -3.27
CA CYS A 58 -12.95 2.55 -2.39
C CYS A 58 -14.45 2.54 -2.12
N LEU A 59 -15.03 3.72 -2.04
CA LEU A 59 -16.43 3.90 -1.70
C LEU A 59 -17.36 3.20 -2.68
N GLY A 60 -18.04 2.16 -2.21
CA GLY A 60 -18.95 1.38 -3.03
C GLY A 60 -18.32 0.21 -3.79
N TYR A 61 -16.99 0.12 -3.77
CA TYR A 61 -16.28 -0.96 -4.48
C TYR A 61 -16.62 -2.29 -3.86
N HIS A 62 -17.34 -3.14 -4.60
CA HIS A 62 -17.75 -4.40 -4.01
C HIS A 62 -18.57 -4.12 -2.75
N GLY A 63 -19.12 -2.92 -2.64
CA GLY A 63 -19.93 -2.58 -1.49
C GLY A 63 -19.17 -1.98 -0.30
N TYR A 64 -17.89 -1.70 -0.46
CA TYR A 64 -17.11 -1.09 0.66
C TYR A 64 -17.77 0.19 1.08
N PRO A 65 -18.00 0.32 2.37
CA PRO A 65 -18.77 1.44 2.87
C PRO A 65 -18.09 2.76 3.13
N LYS A 66 -16.78 2.79 3.17
CA LYS A 66 -16.10 4.03 3.51
C LYS A 66 -15.17 4.50 2.44
N SER A 67 -14.46 5.59 2.71
CA SER A 67 -13.57 6.16 1.69
C SER A 67 -12.13 5.67 1.69
N VAL A 68 -11.63 5.25 2.84
CA VAL A 68 -10.26 4.76 2.95
C VAL A 68 -10.29 3.53 3.83
N CYS A 69 -9.21 2.79 3.83
CA CYS A 69 -9.09 1.65 4.72
C CYS A 69 -8.12 2.02 5.82
N ILE A 70 -8.53 1.77 7.08
CA ILE A 70 -7.66 2.10 8.23
C ILE A 70 -7.49 0.86 9.08
N SER A 71 -6.26 0.33 9.13
CA SER A 71 -5.99 -0.91 9.80
C SER A 71 -5.05 -0.76 10.98
N ILE A 72 -5.61 -0.98 12.17
CA ILE A 72 -4.85 -0.87 13.41
C ILE A 72 -4.26 -2.16 13.95
N ASN A 73 -2.99 -2.10 14.37
CA ASN A 73 -2.32 -3.22 15.03
C ASN A 73 -2.47 -4.56 14.35
N GLU A 74 -3.18 -5.48 15.01
CA GLU A 74 -3.38 -6.81 14.44
C GLU A 74 -4.28 -6.87 13.17
N VAL A 75 -4.94 -5.78 12.83
CA VAL A 75 -5.74 -5.79 11.62
C VAL A 75 -4.75 -5.70 10.47
N VAL A 76 -4.80 -6.68 9.56
CA VAL A 76 -3.90 -6.79 8.43
C VAL A 76 -4.18 -5.82 7.31
N CYS A 77 -5.46 -5.81 6.94
CA CYS A 77 -5.94 -4.92 5.89
C CYS A 77 -7.47 -4.79 5.93
N HIS A 78 -7.95 -3.83 5.13
CA HIS A 78 -9.36 -3.53 4.96
C HIS A 78 -10.07 -3.06 6.20
N GLY A 79 -9.33 -2.62 7.21
CA GLY A 79 -10.00 -2.16 8.41
C GLY A 79 -11.00 -1.07 8.04
N ILE A 80 -12.19 -1.19 8.60
CA ILE A 80 -13.24 -0.24 8.32
C ILE A 80 -13.27 0.89 9.32
N PRO A 81 -13.19 2.13 8.83
CA PRO A 81 -13.23 3.27 9.73
C PRO A 81 -14.50 3.26 10.58
N ASP A 82 -14.40 3.69 11.83
CA ASP A 82 -15.56 3.67 12.70
C ASP A 82 -15.40 4.75 13.76
N ASP A 83 -16.49 5.45 14.06
CA ASP A 83 -16.52 6.56 15.02
C ASP A 83 -16.19 6.12 16.46
N ALA A 84 -16.35 4.85 16.70
CA ALA A 84 -16.14 4.25 18.00
C ALA A 84 -14.74 3.72 18.22
N LYS A 85 -13.95 3.56 17.14
CA LYS A 85 -12.60 3.04 17.29
C LYS A 85 -11.57 4.16 17.53
N LEU A 86 -11.10 4.35 18.76
CA LEU A 86 -10.18 5.43 19.02
C LEU A 86 -8.75 4.91 19.11
N LEU A 87 -7.86 5.76 18.63
CA LEU A 87 -6.44 5.46 18.66
C LEU A 87 -5.88 5.74 20.06
N LYS A 88 -4.89 4.93 20.47
CA LYS A 88 -4.21 4.98 21.76
C LYS A 88 -2.70 5.03 21.53
N ASP A 89 -1.97 5.47 22.57
CA ASP A 89 -0.54 5.55 22.47
C ASP A 89 0.01 4.19 22.10
N GLY A 90 0.98 4.17 21.19
CA GLY A 90 1.57 2.90 20.84
C GLY A 90 0.92 2.16 19.68
N ASP A 91 -0.28 2.59 19.28
CA ASP A 91 -0.90 1.88 18.16
C ASP A 91 -0.08 2.11 16.87
N ILE A 92 -0.08 1.14 15.96
CA ILE A 92 0.52 1.31 14.64
C ILE A 92 -0.68 1.28 13.69
N VAL A 93 -0.78 2.19 12.75
CA VAL A 93 -1.96 2.18 11.91
C VAL A 93 -1.60 2.42 10.46
N ASN A 94 -2.22 1.60 9.61
CA ASN A 94 -2.04 1.76 8.18
C ASN A 94 -3.24 2.55 7.63
N ILE A 95 -2.97 3.54 6.79
CA ILE A 95 -4.04 4.26 6.11
C ILE A 95 -3.78 3.99 4.62
N ASP A 96 -4.71 3.31 3.94
CA ASP A 96 -4.58 2.95 2.52
C ASP A 96 -5.56 3.77 1.75
N VAL A 97 -5.04 4.54 0.83
CA VAL A 97 -5.85 5.44 0.02
C VAL A 97 -5.79 5.10 -1.49
N THR A 98 -6.92 5.19 -2.17
CA THR A 98 -6.92 4.98 -3.64
C THR A 98 -7.81 6.06 -4.21
N VAL A 99 -7.25 6.94 -5.00
CA VAL A 99 -8.04 8.05 -5.54
C VAL A 99 -8.21 7.88 -7.05
N ILE A 100 -9.31 8.38 -7.58
CA ILE A 100 -9.52 8.37 -9.02
C ILE A 100 -9.57 9.80 -9.52
N LYS A 101 -8.77 10.11 -10.55
CA LYS A 101 -8.75 11.42 -11.15
C LYS A 101 -8.67 11.23 -12.68
N ASP A 102 -9.61 11.83 -13.39
CA ASP A 102 -9.64 11.68 -14.83
C ASP A 102 -9.60 10.24 -15.23
N GLY A 103 -10.28 9.42 -14.47
CA GLY A 103 -10.39 8.04 -14.81
C GLY A 103 -9.22 7.14 -14.47
N PHE A 104 -8.14 7.71 -13.92
CA PHE A 104 -6.98 6.89 -13.56
C PHE A 104 -6.85 6.77 -12.04
N HIS A 105 -6.40 5.61 -11.60
CA HIS A 105 -6.22 5.36 -10.18
C HIS A 105 -4.80 5.58 -9.64
N GLY A 106 -4.73 6.00 -8.37
CA GLY A 106 -3.45 6.19 -7.60
C GLY A 106 -3.66 5.44 -6.30
N ASP A 107 -2.84 4.44 -5.97
CA ASP A 107 -3.04 3.59 -4.81
C ASP A 107 -1.82 3.59 -3.90
N THR A 108 -1.94 3.96 -2.63
CA THR A 108 -0.75 4.01 -1.79
C THR A 108 -1.13 3.95 -0.31
N SER A 109 -0.20 3.51 0.53
CA SER A 109 -0.48 3.43 1.97
C SER A 109 0.79 3.59 2.76
N LYS A 110 0.62 3.93 4.04
CA LYS A 110 1.79 4.01 4.93
C LYS A 110 1.32 3.74 6.33
N MET A 111 2.30 3.44 7.17
CA MET A 111 2.01 3.21 8.57
C MET A 111 2.27 4.51 9.35
N PHE A 112 1.46 4.74 10.37
CA PHE A 112 1.68 5.87 11.25
C PHE A 112 1.77 5.30 12.65
N ILE A 113 2.66 5.86 13.49
CA ILE A 113 2.80 5.38 14.87
C ILE A 113 2.13 6.43 15.76
N VAL A 114 1.18 6.02 16.58
CA VAL A 114 0.44 6.95 17.41
C VAL A 114 1.12 7.18 18.75
N GLY A 115 1.33 8.45 19.04
CA GLY A 115 1.93 8.77 20.31
C GLY A 115 3.29 8.11 20.53
N LYS A 116 3.53 7.58 21.72
CA LYS A 116 4.81 6.96 21.98
C LYS A 116 4.88 5.54 21.42
N PRO A 117 5.84 5.32 20.54
CA PRO A 117 5.98 4.01 19.92
C PRO A 117 6.45 2.94 20.84
N THR A 118 6.13 1.69 20.45
CA THR A 118 6.60 0.52 21.16
C THR A 118 7.82 0.06 20.35
N ILE A 119 8.67 -0.75 20.96
CA ILE A 119 9.85 -1.21 20.25
C ILE A 119 9.47 -2.08 19.03
N MET A 120 8.58 -3.05 19.28
CA MET A 120 8.10 -3.96 18.24
C MET A 120 7.43 -3.18 17.10
N GLY A 121 6.59 -2.25 17.46
CA GLY A 121 5.89 -1.49 16.45
C GLY A 121 6.83 -0.72 15.52
N GLU A 122 7.79 -0.03 16.10
CA GLU A 122 8.72 0.73 15.33
C GLU A 122 9.52 -0.18 14.41
N ARG A 123 9.99 -1.26 15.00
CA ARG A 123 10.78 -2.19 14.27
C ARG A 123 10.03 -2.78 13.09
N LEU A 124 8.79 -3.22 13.37
CA LEU A 124 7.99 -3.82 12.32
C LEU A 124 7.72 -2.87 11.15
N CYS A 125 7.42 -1.62 11.47
CA CYS A 125 7.14 -0.66 10.45
C CYS A 125 8.38 -0.44 9.61
N ARG A 126 9.50 -0.30 10.29
CA ARG A 126 10.75 -0.06 9.58
C ARG A 126 11.10 -1.14 8.56
N ILE A 127 11.02 -2.37 9.04
CA ILE A 127 11.37 -3.52 8.24
C ILE A 127 10.46 -3.67 7.04
N THR A 128 9.18 -3.40 7.29
CA THR A 128 8.23 -3.48 6.21
C THR A 128 8.52 -2.43 5.12
N GLN A 129 8.81 -1.19 5.52
CA GLN A 129 9.08 -0.18 4.53
C GLN A 129 10.35 -0.55 3.76
N GLU A 130 11.35 -1.02 4.50
CA GLU A 130 12.59 -1.43 3.86
C GLU A 130 12.34 -2.55 2.87
N SER A 131 11.44 -3.48 3.20
CA SER A 131 11.17 -4.58 2.25
C SER A 131 10.56 -4.01 0.97
N LEU A 132 9.81 -2.93 1.11
CA LEU A 132 9.22 -2.33 -0.07
C LEU A 132 10.29 -1.64 -0.90
N TYR A 133 11.15 -0.93 -0.21
CA TYR A 133 12.20 -0.23 -0.93
C TYR A 133 13.12 -1.21 -1.67
N LEU A 134 13.46 -2.32 -1.04
CA LEU A 134 14.34 -3.32 -1.67
C LEU A 134 13.76 -3.74 -3.01
N ALA A 135 12.45 -4.03 -2.98
CA ALA A 135 11.72 -4.43 -4.17
C ALA A 135 11.75 -3.35 -5.23
N LEU A 136 11.56 -2.10 -4.81
CA LEU A 136 11.58 -1.03 -5.80
C LEU A 136 12.89 -0.92 -6.55
N ARG A 137 13.96 -1.17 -5.81
CA ARG A 137 15.30 -1.06 -6.40
C ARG A 137 15.56 -2.12 -7.43
N MET A 138 14.75 -3.17 -7.41
CA MET A 138 14.99 -4.24 -8.36
C MET A 138 14.21 -4.11 -9.66
N VAL A 139 13.16 -3.30 -9.63
CA VAL A 139 12.31 -3.14 -10.79
C VAL A 139 12.99 -2.59 -12.04
N LYS A 140 12.94 -3.37 -13.14
CA LYS A 140 13.49 -2.91 -14.43
C LYS A 140 13.04 -3.87 -15.53
N PRO A 141 13.10 -3.39 -16.76
CA PRO A 141 12.65 -4.24 -17.84
C PRO A 141 13.44 -5.54 -17.95
N GLY A 142 12.75 -6.62 -18.28
CA GLY A 142 13.39 -7.88 -18.46
C GLY A 142 13.47 -8.77 -17.24
N ILE A 143 13.27 -8.22 -16.04
CA ILE A 143 13.35 -9.06 -14.85
C ILE A 143 12.00 -9.77 -14.65
N ASN A 144 12.02 -10.97 -14.01
CA ASN A 144 10.80 -11.72 -13.69
C ASN A 144 10.24 -11.29 -12.33
N LEU A 145 8.92 -11.06 -12.26
CA LEU A 145 8.31 -10.64 -10.98
C LEU A 145 8.66 -11.59 -9.86
N ARG A 146 8.84 -12.86 -10.24
CA ARG A 146 9.14 -13.86 -9.22
C ARG A 146 10.35 -13.50 -8.38
N GLU A 147 11.33 -12.92 -9.02
CA GLU A 147 12.55 -12.53 -8.33
C GLU A 147 12.24 -11.51 -7.24
N ILE A 148 11.33 -10.61 -7.53
CA ILE A 148 10.99 -9.58 -6.58
C ILE A 148 10.30 -10.16 -5.34
N GLY A 149 9.35 -11.05 -5.58
CA GLY A 149 8.63 -11.67 -4.46
C GLY A 149 9.60 -12.45 -3.61
N ALA A 150 10.49 -13.16 -4.27
CA ALA A 150 11.47 -13.97 -3.55
C ALA A 150 12.37 -13.08 -2.67
N ALA A 151 12.79 -11.95 -3.22
CA ALA A 151 13.68 -11.08 -2.45
C ALA A 151 13.00 -10.52 -1.17
N ILE A 152 11.74 -10.08 -1.31
CA ILE A 152 10.98 -9.57 -0.20
C ILE A 152 10.90 -10.63 0.88
N GLN A 153 10.47 -11.82 0.50
CA GLN A 153 10.35 -12.88 1.47
C GLN A 153 11.65 -13.17 2.19
N LYS A 154 12.72 -13.30 1.44
CA LYS A 154 13.97 -13.61 2.07
C LYS A 154 14.35 -12.59 3.11
N PHE A 155 14.16 -11.33 2.76
CA PHE A 155 14.50 -10.22 3.63
C PHE A 155 13.71 -10.24 4.93
N VAL A 156 12.43 -10.30 4.76
CA VAL A 156 11.50 -10.31 5.89
C VAL A 156 11.73 -11.47 6.84
N GLU A 157 11.87 -12.66 6.31
CA GLU A 157 12.06 -13.84 7.13
C GLU A 157 13.40 -13.79 7.83
N ALA A 158 14.41 -13.19 7.18
CA ALA A 158 15.71 -13.08 7.82
C ALA A 158 15.64 -12.17 9.04
N GLU A 159 14.64 -11.30 9.08
CA GLU A 159 14.48 -10.38 10.20
C GLU A 159 13.53 -10.91 11.26
N GLY A 160 13.12 -12.16 11.13
CA GLY A 160 12.28 -12.85 12.08
C GLY A 160 10.78 -12.61 12.00
N PHE A 161 10.34 -12.03 10.87
CA PHE A 161 8.94 -11.77 10.63
C PHE A 161 8.39 -12.66 9.53
N SER A 162 7.11 -12.54 9.21
CA SER A 162 6.54 -13.39 8.15
C SER A 162 5.78 -12.57 7.13
N VAL A 163 5.60 -13.11 5.92
CA VAL A 163 4.89 -12.34 4.88
C VAL A 163 3.53 -12.93 4.61
N VAL A 164 2.52 -12.07 4.50
CA VAL A 164 1.18 -12.56 4.22
C VAL A 164 1.08 -13.02 2.77
N ARG A 165 0.56 -14.25 2.59
CA ARG A 165 0.46 -14.84 1.25
C ARG A 165 -0.75 -14.46 0.43
N GLU A 166 -1.88 -14.35 1.10
CA GLU A 166 -3.15 -14.06 0.48
C GLU A 166 -3.42 -12.78 -0.26
N TYR A 167 -2.74 -11.74 0.11
CA TYR A 167 -3.02 -10.48 -0.54
C TYR A 167 -1.78 -10.06 -1.27
N CYS A 168 -1.95 -9.37 -2.39
CA CYS A 168 -0.77 -9.04 -3.16
C CYS A 168 -0.97 -7.75 -3.91
N GLY A 169 0.12 -7.32 -4.53
CA GLY A 169 0.09 -6.11 -5.32
C GLY A 169 -0.65 -6.41 -6.63
N HIS A 170 -0.88 -5.39 -7.43
CA HIS A 170 -1.67 -5.62 -8.62
C HIS A 170 -1.46 -4.57 -9.68
N GLY A 171 -1.79 -4.92 -10.92
CA GLY A 171 -1.73 -3.90 -11.94
C GLY A 171 -2.81 -2.87 -11.58
N ILE A 172 -2.66 -1.70 -12.13
CA ILE A 172 -3.57 -0.61 -11.85
C ILE A 172 -3.55 0.40 -12.98
N GLY A 173 -4.66 1.07 -13.25
CA GLY A 173 -4.66 2.10 -14.29
C GLY A 173 -6.07 2.68 -14.37
N GLN A 174 -6.77 2.42 -15.48
CA GLN A 174 -8.17 2.81 -15.61
C GLN A 174 -8.94 1.88 -14.68
N GLY A 175 -8.41 0.70 -14.44
CA GLY A 175 -9.01 -0.30 -13.53
C GLY A 175 -8.31 -0.24 -12.17
N PHE A 176 -9.01 -0.59 -11.10
CA PHE A 176 -8.42 -0.58 -9.77
C PHE A 176 -7.44 -1.73 -9.58
N HIS A 177 -7.90 -2.94 -9.86
CA HIS A 177 -7.09 -4.11 -9.71
C HIS A 177 -6.93 -4.80 -11.06
N GLU A 178 -5.86 -4.54 -11.77
CA GLU A 178 -5.65 -5.17 -13.05
C GLU A 178 -4.55 -6.23 -12.96
N GLU A 179 -4.30 -6.94 -14.07
CA GLU A 179 -3.22 -7.91 -14.05
C GLU A 179 -1.95 -7.08 -14.07
N PRO A 180 -0.88 -7.62 -13.52
CA PRO A 180 -0.85 -8.94 -12.95
C PRO A 180 -0.99 -8.90 -11.44
N GLN A 181 -0.97 -10.11 -10.86
CA GLN A 181 -0.95 -10.28 -9.40
C GLN A 181 0.54 -10.15 -9.02
N VAL A 182 0.87 -9.31 -8.04
CA VAL A 182 2.25 -9.16 -7.63
C VAL A 182 2.40 -9.78 -6.27
N LEU A 183 2.88 -11.03 -6.27
CA LEU A 183 3.10 -11.79 -5.04
C LEU A 183 4.29 -11.28 -4.24
N HIS A 184 4.12 -11.23 -2.91
CA HIS A 184 5.22 -10.77 -2.04
C HIS A 184 6.08 -11.93 -1.50
N TYR A 185 6.04 -13.06 -2.18
CA TYR A 185 6.83 -14.19 -1.76
C TYR A 185 7.28 -15.02 -2.96
N ASP A 186 8.17 -15.96 -2.68
CA ASP A 186 8.69 -16.85 -3.73
C ASP A 186 7.66 -17.89 -4.13
N SER A 187 7.37 -17.98 -5.40
CA SER A 187 6.40 -18.98 -5.85
C SER A 187 6.75 -19.42 -7.24
N ARG A 188 6.81 -20.74 -7.42
CA ARG A 188 7.11 -21.33 -8.71
C ARG A 188 5.99 -20.99 -9.69
N GLU A 189 4.84 -20.59 -9.18
CA GLU A 189 3.72 -20.21 -10.03
C GLU A 189 3.93 -18.89 -10.76
N THR A 190 4.80 -18.03 -10.22
CA THR A 190 5.00 -16.70 -10.82
C THR A 190 5.91 -16.69 -12.03
N ASN A 191 5.43 -16.15 -13.14
CA ASN A 191 6.22 -16.08 -14.37
C ASN A 191 5.74 -14.92 -15.24
N VAL A 192 6.26 -13.73 -14.91
CA VAL A 192 5.93 -12.51 -15.61
C VAL A 192 7.18 -11.68 -15.80
N VAL A 193 7.48 -11.36 -17.05
CA VAL A 193 8.64 -10.56 -17.34
C VAL A 193 8.20 -9.12 -17.47
N LEU A 194 8.91 -8.24 -16.81
CA LEU A 194 8.55 -6.84 -16.89
C LEU A 194 8.92 -6.13 -18.17
N LYS A 195 8.10 -5.16 -18.52
CA LYS A 195 8.35 -4.33 -19.71
C LYS A 195 7.95 -2.89 -19.46
N PRO A 196 8.58 -1.96 -20.11
CA PRO A 196 8.27 -0.58 -19.87
C PRO A 196 6.84 -0.26 -20.19
N GLY A 197 6.26 0.63 -19.38
CA GLY A 197 4.87 1.02 -19.61
C GLY A 197 3.92 0.23 -18.71
N MET A 198 4.43 -0.76 -18.02
CA MET A 198 3.57 -1.49 -17.11
C MET A 198 3.45 -0.65 -15.80
N THR A 199 2.27 -0.66 -15.20
CA THR A 199 2.08 0.10 -13.97
C THR A 199 1.44 -0.84 -12.97
N PHE A 200 2.02 -0.91 -11.78
CA PHE A 200 1.47 -1.82 -10.80
C PHE A 200 1.89 -1.35 -9.41
N THR A 201 1.31 -2.01 -8.40
CA THR A 201 1.64 -1.68 -7.02
C THR A 201 2.49 -2.77 -6.38
N ILE A 202 3.25 -2.41 -5.36
CA ILE A 202 3.99 -3.35 -4.53
C ILE A 202 3.48 -2.95 -3.12
N GLU A 203 2.95 -3.90 -2.32
CA GLU A 203 2.33 -3.54 -1.03
C GLU A 203 2.37 -4.68 -0.02
N PRO A 204 3.58 -5.06 0.33
CA PRO A 204 3.77 -6.17 1.23
C PRO A 204 3.12 -5.97 2.61
N MET A 205 2.52 -7.06 3.11
CA MET A 205 1.91 -7.09 4.44
C MET A 205 2.78 -8.03 5.24
N VAL A 206 3.33 -7.51 6.32
CA VAL A 206 4.23 -8.28 7.15
C VAL A 206 3.70 -8.39 8.56
N ASN A 207 3.80 -9.61 9.09
CA ASN A 207 3.36 -9.90 10.42
C ASN A 207 4.52 -10.11 11.37
N ALA A 208 4.35 -9.57 12.61
CA ALA A 208 5.36 -9.74 13.63
C ALA A 208 5.40 -11.22 14.02
N GLY A 209 4.26 -11.88 13.98
CA GLY A 209 4.15 -13.27 14.33
C GLY A 209 4.17 -14.20 13.12
N LYS A 210 3.21 -15.13 13.11
CA LYS A 210 3.06 -16.13 12.08
C LYS A 210 2.29 -15.57 10.90
N LYS A 211 2.42 -16.24 9.76
CA LYS A 211 1.81 -15.72 8.56
C LYS A 211 0.29 -15.80 8.45
N GLU A 212 -0.31 -16.74 9.18
CA GLU A 212 -1.74 -16.98 9.05
C GLU A 212 -2.69 -15.84 9.31
N ILE A 213 -3.70 -15.71 8.47
CA ILE A 213 -4.65 -14.63 8.67
C ILE A 213 -6.04 -15.20 8.73
N ARG A 214 -6.96 -14.32 9.15
CA ARG A 214 -8.37 -14.67 9.25
C ARG A 214 -9.27 -13.46 8.93
N THR A 215 -10.31 -13.74 8.11
CA THR A 215 -11.31 -12.75 7.76
C THR A 215 -12.40 -12.71 8.81
N MET A 216 -12.69 -11.51 9.26
CA MET A 216 -13.68 -11.29 10.31
C MET A 216 -15.10 -11.43 9.80
N LYS A 217 -16.09 -11.51 10.71
CA LYS A 217 -17.50 -11.68 10.35
C LYS A 217 -18.13 -10.51 9.61
N ASP A 218 -17.49 -9.34 9.72
CA ASP A 218 -17.96 -8.14 9.04
C ASP A 218 -17.75 -8.30 7.55
N GLY A 219 -16.95 -9.29 7.22
CA GLY A 219 -16.67 -9.63 5.86
C GLY A 219 -15.65 -8.73 5.19
N TRP A 220 -14.94 -7.95 5.97
CA TRP A 220 -13.95 -7.10 5.35
C TRP A 220 -12.63 -7.16 6.09
N THR A 221 -12.72 -6.91 7.37
CA THR A 221 -11.56 -6.89 8.22
C THR A 221 -10.76 -8.20 8.22
N VAL A 222 -9.43 -8.09 8.07
CA VAL A 222 -8.60 -9.25 8.10
C VAL A 222 -7.66 -9.05 9.26
N LYS A 223 -7.47 -10.09 10.08
CA LYS A 223 -6.54 -9.98 11.22
C LYS A 223 -5.60 -11.14 11.24
N THR A 224 -4.49 -11.01 11.95
CA THR A 224 -3.56 -12.10 12.03
C THR A 224 -4.21 -13.19 12.88
N LYS A 225 -3.92 -14.45 12.59
CA LYS A 225 -4.50 -15.52 13.41
C LYS A 225 -3.93 -15.54 14.82
N ASP A 226 -2.67 -15.22 14.96
CA ASP A 226 -2.09 -15.24 16.29
C ASP A 226 -2.17 -13.91 17.01
N ARG A 227 -2.89 -12.96 16.43
CA ARG A 227 -3.04 -11.64 17.00
C ARG A 227 -1.75 -10.81 17.09
N SER A 228 -0.73 -11.17 16.34
CA SER A 228 0.50 -10.39 16.33
C SER A 228 0.27 -9.11 15.51
N LEU A 229 1.18 -8.14 15.62
CA LEU A 229 1.04 -6.91 14.88
C LEU A 229 1.30 -7.17 13.40
N SER A 230 0.68 -6.38 12.54
CA SER A 230 0.89 -6.52 11.10
C SER A 230 1.08 -5.14 10.51
N ALA A 231 2.01 -5.05 9.56
CA ALA A 231 2.24 -3.76 8.93
C ALA A 231 2.29 -3.87 7.39
N GLN A 232 2.05 -2.73 6.74
CA GLN A 232 2.05 -2.67 5.31
C GLN A 232 2.39 -1.29 4.79
N TYR A 233 3.07 -1.26 3.64
CA TYR A 233 3.34 0.00 2.96
C TYR A 233 3.07 -0.28 1.48
N GLU A 234 2.66 0.75 0.75
CA GLU A 234 2.33 0.55 -0.64
C GLU A 234 2.68 1.73 -1.53
N HIS A 235 3.22 1.42 -2.73
CA HIS A 235 3.45 2.49 -3.69
C HIS A 235 2.97 1.98 -5.07
N THR A 236 2.58 2.91 -5.94
CA THR A 236 2.17 2.63 -7.35
C THR A 236 3.38 3.04 -8.22
N ILE A 237 3.80 2.17 -9.13
CA ILE A 237 4.97 2.56 -9.95
C ILE A 237 4.72 2.30 -11.43
N VAL A 238 5.60 2.85 -12.25
CA VAL A 238 5.59 2.64 -13.68
C VAL A 238 6.98 2.09 -14.05
N VAL A 239 7.02 1.02 -14.86
CA VAL A 239 8.31 0.47 -15.30
C VAL A 239 8.83 1.36 -16.43
N THR A 240 10.07 1.86 -16.31
CA THR A 240 10.62 2.74 -17.34
C THR A 240 11.64 1.96 -18.18
N ASP A 241 12.27 2.65 -19.11
CA ASP A 241 13.26 2.01 -19.96
C ASP A 241 14.43 1.44 -19.18
N ASN A 242 14.81 2.07 -18.06
CA ASN A 242 15.94 1.55 -17.34
C ASN A 242 15.70 1.39 -15.86
N GLY A 243 14.46 1.32 -15.45
CA GLY A 243 14.23 1.17 -14.03
C GLY A 243 12.76 1.36 -13.74
N CYS A 244 12.48 2.27 -12.82
CA CYS A 244 11.11 2.56 -12.49
C CYS A 244 10.94 3.99 -11.99
N GLU A 245 9.69 4.43 -11.95
CA GLU A 245 9.39 5.72 -11.41
C GLU A 245 8.28 5.52 -10.38
N ILE A 246 8.46 6.09 -9.21
CA ILE A 246 7.46 5.90 -8.17
C ILE A 246 6.46 7.01 -8.26
N LEU A 247 5.22 6.67 -8.63
CA LEU A 247 4.17 7.67 -8.82
C LEU A 247 3.55 8.25 -7.52
N THR A 248 3.63 7.52 -6.45
CA THR A 248 3.00 8.00 -5.21
C THR A 248 4.04 8.42 -4.15
N LEU A 249 5.21 8.88 -4.57
CA LEU A 249 6.22 9.24 -3.60
C LEU A 249 5.79 10.44 -2.74
N ARG A 250 6.14 10.42 -1.46
CA ARG A 250 5.77 11.53 -0.56
C ARG A 250 7.02 12.22 -0.09
N LYS A 251 6.83 13.35 0.60
CA LYS A 251 7.96 14.08 1.16
C LYS A 251 8.79 13.27 2.17
N ASP A 252 8.19 12.33 2.89
CA ASP A 252 8.88 11.53 3.88
C ASP A 252 9.51 10.25 3.37
N ASP A 253 9.29 9.93 2.09
CA ASP A 253 9.92 8.74 1.56
C ASP A 253 11.40 9.10 1.46
N THR A 254 12.24 8.08 1.68
CA THR A 254 13.69 8.32 1.60
C THR A 254 14.34 7.61 0.42
N ILE A 255 13.55 7.28 -0.57
CA ILE A 255 14.06 6.64 -1.78
C ILE A 255 13.81 7.66 -2.89
N PRO A 256 14.66 7.70 -3.91
CA PRO A 256 14.45 8.65 -4.99
C PRO A 256 13.24 8.23 -5.82
N ALA A 257 12.60 9.21 -6.43
CA ALA A 257 11.41 9.01 -7.24
C ALA A 257 11.72 8.23 -8.52
N ILE A 258 12.89 8.47 -9.07
CA ILE A 258 13.32 7.79 -10.28
C ILE A 258 14.52 6.93 -9.94
N ILE A 259 14.40 5.64 -10.21
CA ILE A 259 15.48 4.73 -9.95
C ILE A 259 16.04 4.26 -11.30
N SER A 260 17.33 4.48 -11.51
CA SER A 260 17.95 4.15 -12.79
C SER A 260 18.99 3.09 -12.69
N HIS A 261 18.99 2.19 -13.65
CA HIS A 261 20.00 1.13 -13.66
C HIS A 261 20.93 1.29 -14.87
N ASP A 262 22.20 0.96 -14.71
CA ASP A 262 23.13 1.11 -15.81
C ASP A 262 24.49 0.55 -15.40
CO CO B . -3.11 -1.79 -3.94
CO CO C . -4.07 0.36 -1.51
NA NA D . -1.93 -3.10 11.01
N MF3 E . -6.37 0.20 -1.62
CA MF3 E . -6.45 -1.28 -1.50
C MF3 E . -5.48 -1.99 -2.42
O MF3 E . -4.31 -1.62 -2.36
CB MF3 E . -7.83 -1.92 -1.73
CG MF3 E . -8.98 -1.27 -0.99
SD MF3 E . -10.57 -1.79 -1.68
CE MF3 E . -11.44 -2.24 -0.20
OXT MF3 E . -5.92 -2.96 -3.10
FZ1 MF3 E . -10.76 -3.26 0.37
FZ2 MF3 E . -12.52 -2.97 -0.59
FZ3 MF3 E . -11.57 -1.07 0.49
#